data_3PKM
#
_entry.id   3PKM
#
_cell.length_a   96.557
_cell.length_b   96.557
_cell.length_c   165.492
_cell.angle_alpha   90.00
_cell.angle_beta   90.00
_cell.angle_gamma   120.00
#
_symmetry.space_group_name_H-M   'P 32 2 1'
#
loop_
_entity.id
_entity.type
_entity.pdbx_description
1 polymer 'CRISPR-associated endoribonuclease Cas6'
2 polymer "5'-R(*AP*UP*UP*AP*CP*AP*AP*UP*AP*A)-3'"
3 polymer "5'-R(P*UP*UP*AP*CP*AP*AP*UP*AP*A)-3'"
#
loop_
_entity_poly.entity_id
_entity_poly.type
_entity_poly.pdbx_seq_one_letter_code
_entity_poly.pdbx_strand_id
1 'polypeptide(L)'
;HHHHGSRFLIRLVPEDKDRAFKVPYNHQYYLQGLIYNAIKSSNPKLATYLHEVKGPKLFTYSLFMAEKREHPKGLPYFLG
YKKGFFYFSTCVPEIAEALVNGLLMNPEVRLWDERFYLHEIKVLREPKKFNGSTFVTLSPIAVTVVRKGKSYDVPPMEKE
FYSIIKDDLQDKYVMAYGDKPPSEFEMEVLIAKPKRFRIKPGIYQTAWHLVFRAYGNDDLLKVGYEVGFGEKNSLGFGMV
KVEGNKTTKEAEEQEKITFNSREELKTGV
;
A,X
2 'polyribonucleotide' AUUACAAUAA G
3 'polyribonucleotide' UUACAAUAA R
#
loop_
_chem_comp.id
_chem_comp.type
_chem_comp.name
_chem_comp.formula
A RNA linking ADENOSINE-5'-MONOPHOSPHATE 'C10 H14 N5 O7 P'
C RNA linking CYTIDINE-5'-MONOPHOSPHATE 'C9 H14 N3 O8 P'
U RNA linking URIDINE-5'-MONOPHOSPHATE 'C9 H13 N2 O9 P'
#
# COMPACT_ATOMS: atom_id res chain seq x y z
N HIS A 1 -10.03 -5.53 16.36
CA HIS A 1 -10.03 -4.43 15.39
C HIS A 1 -8.92 -4.67 14.36
N HIS A 2 -9.06 -5.68 13.47
CA HIS A 2 -10.34 -6.22 12.99
C HIS A 2 -11.21 -5.19 12.23
N HIS A 3 -12.30 -4.78 12.85
CA HIS A 3 -13.46 -4.19 12.18
C HIS A 3 -13.21 -3.04 11.20
N HIS A 4 -12.03 -2.42 11.24
CA HIS A 4 -11.74 -1.29 10.36
C HIS A 4 -12.01 -1.52 8.85
N GLY A 5 -11.55 -2.65 8.32
CA GLY A 5 -11.84 -3.03 6.95
C GLY A 5 -11.01 -2.33 5.89
N SER A 6 -11.14 -2.74 4.62
CA SER A 6 -10.38 -2.13 3.53
C SER A 6 -11.08 -2.15 2.17
N ARG A 7 -10.85 -1.10 1.37
CA ARG A 7 -11.37 -1.00 0.00
C ARG A 7 -10.32 -0.38 -0.95
N PHE A 8 -10.14 -0.95 -2.15
CA PHE A 8 -9.14 -0.42 -3.10
C PHE A 8 -9.70 -0.07 -4.48
N LEU A 9 -9.21 1.04 -5.04
CA LEU A 9 -9.43 1.40 -6.43
C LEU A 9 -8.12 1.38 -7.20
N ILE A 10 -8.01 0.49 -8.18
CA ILE A 10 -6.77 0.34 -8.93
C ILE A 10 -6.94 0.92 -10.32
N ARG A 11 -5.89 1.55 -10.82
CA ARG A 11 -5.96 2.24 -12.11
C ARG A 11 -4.84 1.84 -13.06
N LEU A 12 -5.23 1.49 -14.28
CA LEU A 12 -4.29 1.01 -15.31
C LEU A 12 -4.30 1.95 -16.50
N VAL A 13 -3.24 1.92 -17.31
CA VAL A 13 -3.17 2.75 -18.50
C VAL A 13 -2.84 1.93 -19.74
N ALA A 20 -6.42 4.03 -26.69
CA ALA A 20 -7.62 3.28 -27.08
C ALA A 20 -7.43 1.79 -26.84
N PHE A 21 -8.25 1.21 -25.96
CA PHE A 21 -8.15 -0.21 -25.63
C PHE A 21 -9.49 -0.92 -25.69
N LYS A 22 -9.47 -2.25 -25.62
CA LYS A 22 -10.68 -3.04 -25.69
C LYS A 22 -10.95 -3.80 -24.40
N VAL A 23 -12.22 -4.11 -24.17
CA VAL A 23 -12.66 -4.92 -23.05
C VAL A 23 -13.83 -5.78 -23.53
N PRO A 24 -13.94 -7.02 -23.02
CA PRO A 24 -15.10 -7.86 -23.33
C PRO A 24 -16.21 -7.74 -22.29
N TYR A 25 -17.28 -8.51 -22.49
CA TYR A 25 -18.21 -8.83 -21.41
C TYR A 25 -17.87 -10.27 -21.04
N ASN A 26 -18.56 -10.83 -20.05
CA ASN A 26 -18.26 -12.19 -19.59
C ASN A 26 -16.79 -12.31 -19.18
N HIS A 27 -16.22 -11.18 -18.78
CA HIS A 27 -14.77 -11.04 -18.62
C HIS A 27 -14.25 -11.29 -17.20
N GLN A 28 -15.13 -11.71 -16.29
CA GLN A 28 -14.77 -11.81 -14.87
C GLN A 28 -14.00 -13.08 -14.46
N TYR A 29 -13.86 -14.03 -15.38
CA TYR A 29 -13.02 -15.21 -15.15
C TYR A 29 -11.58 -14.84 -15.47
N TYR A 30 -11.42 -13.79 -16.27
CA TYR A 30 -10.11 -13.32 -16.66
C TYR A 30 -9.60 -12.33 -15.65
N LEU A 31 -10.53 -11.79 -14.87
CA LEU A 31 -10.18 -10.90 -13.78
C LEU A 31 -9.81 -11.75 -12.57
N GLN A 32 -10.28 -13.00 -12.58
CA GLN A 32 -9.90 -13.95 -11.55
C GLN A 32 -8.42 -14.24 -11.72
N GLY A 33 -7.93 -14.02 -12.94
CA GLY A 33 -6.52 -14.19 -13.24
C GLY A 33 -5.59 -13.14 -12.65
N LEU A 34 -5.89 -11.86 -12.89
CA LEU A 34 -4.99 -10.79 -12.45
C LEU A 34 -4.95 -10.67 -10.93
N ILE A 35 -6.00 -11.16 -10.28
CA ILE A 35 -6.10 -11.09 -8.83
C ILE A 35 -5.29 -12.16 -8.08
N TYR A 36 -5.39 -13.41 -8.50
CA TYR A 36 -4.68 -14.51 -7.84
C TYR A 36 -3.20 -14.48 -8.24
N ASN A 37 -2.94 -14.04 -9.46
CA ASN A 37 -1.59 -13.91 -9.97
C ASN A 37 -0.73 -13.07 -9.03
N ALA A 38 -1.29 -11.95 -8.57
CA ALA A 38 -0.57 -11.01 -7.73
C ALA A 38 -0.61 -11.40 -6.26
N ILE A 39 -1.50 -12.33 -5.91
CA ILE A 39 -1.51 -12.88 -4.56
C ILE A 39 -0.47 -13.99 -4.37
N LYS A 40 -0.23 -14.75 -5.44
CA LYS A 40 0.78 -15.79 -5.44
C LYS A 40 2.16 -15.12 -5.50
N SER A 41 2.23 -14.08 -6.31
CA SER A 41 3.46 -13.33 -6.54
C SER A 41 3.90 -12.53 -5.30
N SER A 42 3.03 -12.46 -4.31
CA SER A 42 3.34 -11.94 -2.99
C SER A 42 3.38 -13.04 -1.92
N ASN A 43 2.24 -13.67 -1.70
CA ASN A 43 2.07 -14.72 -0.68
C ASN A 43 1.64 -16.07 -1.27
N PRO A 44 2.61 -16.93 -1.67
CA PRO A 44 2.29 -18.15 -2.43
C PRO A 44 1.48 -19.19 -1.66
N LYS A 45 1.56 -19.14 -0.33
CA LYS A 45 0.77 -20.03 0.49
C LYS A 45 -0.66 -19.53 0.57
N LEU A 46 -0.82 -18.21 0.65
CA LEU A 46 -2.14 -17.61 0.67
C LEU A 46 -2.87 -17.89 -0.63
N ALA A 47 -2.14 -17.82 -1.73
CA ALA A 47 -2.74 -17.99 -3.05
C ALA A 47 -3.34 -19.37 -3.26
N THR A 48 -2.50 -20.40 -3.15
CA THR A 48 -2.94 -21.77 -3.33
C THR A 48 -4.03 -22.08 -2.33
N TYR A 49 -3.85 -21.59 -1.11
CA TYR A 49 -4.78 -21.87 -0.03
C TYR A 49 -6.19 -21.58 -0.56
N LEU A 50 -6.40 -20.36 -1.05
CA LEU A 50 -7.75 -19.91 -1.44
C LEU A 50 -8.51 -20.78 -2.45
N HIS A 51 -7.80 -21.57 -3.26
CA HIS A 51 -8.47 -22.33 -4.31
C HIS A 51 -9.19 -23.57 -3.76
N GLU A 52 -8.39 -24.52 -3.31
CA GLU A 52 -8.87 -25.73 -2.65
C GLU A 52 -9.65 -25.33 -1.40
N VAL A 53 -9.01 -24.54 -0.53
CA VAL A 53 -9.79 -23.83 0.47
C VAL A 53 -10.83 -23.11 -0.35
N LYS A 54 -12.07 -23.26 0.09
CA LYS A 54 -13.24 -23.23 -0.78
C LYS A 54 -14.31 -22.50 0.04
N GLY A 55 -15.56 -22.42 -0.42
CA GLY A 55 -16.61 -21.69 0.32
C GLY A 55 -16.42 -20.21 0.07
N PRO A 56 -17.39 -19.38 0.51
CA PRO A 56 -17.27 -17.94 0.28
C PRO A 56 -16.02 -17.39 0.93
N LYS A 57 -15.20 -16.74 0.12
CA LYS A 57 -13.99 -16.09 0.60
C LYS A 57 -14.32 -14.69 1.11
N LEU A 58 -13.46 -14.13 1.96
CA LEU A 58 -13.79 -12.87 2.61
C LEU A 58 -13.43 -11.62 1.79
N PHE A 59 -13.02 -11.84 0.54
CA PHE A 59 -12.75 -10.75 -0.40
C PHE A 59 -13.74 -10.78 -1.55
N THR A 60 -13.95 -9.60 -2.16
CA THR A 60 -14.65 -9.47 -3.43
C THR A 60 -14.05 -8.33 -4.23
N TYR A 61 -14.33 -8.32 -5.53
CA TYR A 61 -13.86 -7.26 -6.40
C TYR A 61 -14.90 -6.92 -7.44
N SER A 62 -14.78 -5.72 -8.00
CA SER A 62 -15.78 -5.16 -8.90
C SER A 62 -15.66 -5.76 -10.30
N LEU A 63 -16.37 -5.18 -11.24
CA LEU A 63 -16.17 -5.48 -12.65
C LEU A 63 -15.00 -4.66 -13.17
N PHE A 64 -14.67 -4.86 -14.45
CA PHE A 64 -13.68 -4.05 -15.10
C PHE A 64 -14.41 -3.02 -15.94
N MET A 65 -14.38 -1.78 -15.48
CA MET A 65 -15.04 -0.71 -16.17
C MET A 65 -13.98 0.12 -16.87
N ALA A 66 -14.43 1.18 -17.52
CA ALA A 66 -13.53 2.08 -18.22
C ALA A 66 -13.84 3.49 -17.75
N GLU A 67 -13.24 4.48 -18.38
CA GLU A 67 -13.64 5.86 -18.11
C GLU A 67 -14.85 6.22 -18.97
N LYS A 68 -15.18 5.35 -19.93
CA LYS A 68 -16.38 5.50 -20.76
C LYS A 68 -16.87 4.12 -21.22
N ARG A 69 -18.17 3.99 -21.51
CA ARG A 69 -18.69 2.72 -22.04
C ARG A 69 -19.24 2.85 -23.48
N GLU A 70 -18.69 2.06 -24.39
CA GLU A 70 -19.10 2.10 -25.80
C GLU A 70 -19.40 0.70 -26.34
N HIS A 71 -20.49 0.56 -27.09
CA HIS A 71 -21.02 -0.77 -27.46
C HIS A 71 -21.41 -0.96 -28.93
N PRO A 72 -20.49 -1.46 -29.78
CA PRO A 72 -20.93 -1.76 -31.14
C PRO A 72 -22.22 -2.59 -31.14
N TYR A 77 -17.33 -7.84 -27.05
CA TYR A 77 -16.38 -6.84 -26.56
C TYR A 77 -16.86 -5.42 -26.83
N PHE A 78 -16.17 -4.46 -26.23
CA PHE A 78 -16.48 -3.06 -26.45
C PHE A 78 -15.22 -2.19 -26.52
N LEU A 79 -15.44 -0.88 -26.52
CA LEU A 79 -14.35 0.08 -26.73
C LEU A 79 -13.48 0.27 -25.50
N GLY A 80 -12.57 1.24 -25.58
CA GLY A 80 -11.68 1.63 -24.50
C GLY A 80 -11.08 3.02 -24.74
N TYR A 81 -10.67 3.66 -23.65
CA TYR A 81 -10.14 5.03 -23.70
C TYR A 81 -9.29 5.37 -22.50
N LYS A 82 -9.16 6.65 -22.21
CA LYS A 82 -8.24 7.09 -21.17
C LYS A 82 -8.42 6.20 -19.95
N LYS A 83 -7.30 5.56 -19.67
CA LYS A 83 -7.10 4.55 -18.64
C LYS A 83 -8.19 3.49 -18.49
N GLY A 84 -8.40 3.03 -17.26
CA GLY A 84 -9.44 2.06 -16.92
C GLY A 84 -9.08 1.37 -15.61
N PHE A 85 -10.07 0.79 -14.95
CA PHE A 85 -9.92 0.49 -13.53
C PHE A 85 -10.89 -0.55 -12.96
N PHE A 86 -10.85 -0.70 -11.65
CA PHE A 86 -11.78 -1.59 -10.95
C PHE A 86 -11.51 -1.52 -9.46
N TYR A 87 -12.46 -2.02 -8.67
CA TYR A 87 -12.38 -1.92 -7.22
C TYR A 87 -12.28 -3.29 -6.58
N PHE A 88 -11.70 -3.32 -5.39
CA PHE A 88 -11.46 -4.55 -4.66
C PHE A 88 -11.69 -4.28 -3.19
N SER A 89 -12.48 -5.11 -2.52
CA SER A 89 -12.66 -4.98 -1.07
C SER A 89 -12.56 -6.31 -0.33
N THR A 90 -11.84 -6.29 0.79
CA THR A 90 -11.70 -7.48 1.63
C THR A 90 -11.51 -7.08 3.09
N CYS A 91 -12.01 -7.89 4.01
CA CYS A 91 -11.85 -7.61 5.44
C CYS A 91 -10.69 -8.38 6.06
N VAL A 92 -10.00 -9.16 5.24
CA VAL A 92 -8.84 -9.91 5.68
C VAL A 92 -7.56 -9.19 5.27
N PRO A 93 -6.88 -8.59 6.25
CA PRO A 93 -5.72 -7.72 5.99
C PRO A 93 -4.70 -8.30 5.01
N GLU A 94 -4.41 -9.60 5.07
CA GLU A 94 -3.37 -10.17 4.21
C GLU A 94 -3.85 -10.43 2.77
N ILE A 95 -5.13 -10.68 2.59
CA ILE A 95 -5.65 -10.85 1.23
C ILE A 95 -5.35 -9.58 0.47
N ALA A 96 -5.48 -8.45 1.16
CA ALA A 96 -5.25 -7.14 0.57
C ALA A 96 -3.78 -6.79 0.46
N GLU A 97 -3.02 -7.09 1.52
CA GLU A 97 -1.59 -6.79 1.52
C GLU A 97 -0.91 -7.57 0.40
N ALA A 98 -1.44 -8.74 0.10
CA ALA A 98 -0.87 -9.59 -0.94
C ALA A 98 -1.43 -9.26 -2.33
N LEU A 99 -2.54 -8.54 -2.38
CA LEU A 99 -2.98 -7.98 -3.66
C LEU A 99 -2.44 -6.57 -3.93
N VAL A 100 -1.99 -5.89 -2.88
CA VAL A 100 -1.30 -4.60 -3.04
C VAL A 100 0.18 -4.81 -3.34
N ASN A 101 0.79 -5.74 -2.62
CA ASN A 101 2.21 -6.03 -2.77
C ASN A 101 2.50 -6.74 -4.08
N GLY A 102 1.60 -7.65 -4.47
CA GLY A 102 1.79 -8.46 -5.65
C GLY A 102 1.46 -7.76 -6.95
N LEU A 103 0.56 -6.78 -6.88
CA LEU A 103 0.28 -5.93 -8.02
C LEU A 103 1.36 -4.86 -8.15
N LEU A 104 2.04 -4.56 -7.04
CA LEU A 104 3.14 -3.61 -7.05
C LEU A 104 4.43 -4.21 -7.61
N MET A 105 4.96 -5.24 -6.97
CA MET A 105 6.22 -5.83 -7.42
C MET A 105 5.85 -6.98 -8.31
N ASN A 106 5.87 -6.61 -9.59
CA ASN A 106 5.14 -7.27 -10.67
C ASN A 106 4.96 -6.48 -11.98
N PRO A 107 3.75 -6.63 -12.55
CA PRO A 107 3.19 -5.99 -13.73
C PRO A 107 3.29 -4.46 -13.63
N GLU A 108 3.24 -3.74 -14.75
CA GLU A 108 3.37 -4.35 -16.07
C GLU A 108 2.13 -5.08 -16.61
N VAL A 109 1.02 -5.02 -15.87
CA VAL A 109 -0.15 -5.88 -16.12
C VAL A 109 -0.60 -5.97 -17.58
N ARG A 110 -0.94 -7.18 -18.01
CA ARG A 110 -1.50 -7.44 -19.33
C ARG A 110 -2.71 -8.35 -19.19
N LEU A 111 -3.89 -7.86 -19.59
CA LEU A 111 -5.06 -8.73 -19.48
C LEU A 111 -5.61 -9.19 -20.82
N TRP A 112 -6.08 -10.45 -20.84
CA TRP A 112 -6.47 -11.12 -22.05
C TRP A 112 -5.20 -10.94 -22.83
N ASP A 113 -5.24 -10.53 -24.08
CA ASP A 113 -4.04 -9.84 -24.50
C ASP A 113 -4.43 -8.43 -24.86
N GLU A 114 -4.10 -7.56 -23.93
CA GLU A 114 -4.16 -6.13 -24.05
C GLU A 114 -3.03 -5.77 -23.13
N ARG A 115 -2.23 -4.77 -23.45
CA ARG A 115 -1.18 -4.48 -22.53
C ARG A 115 -1.72 -3.35 -21.65
N PHE A 116 -0.97 -2.93 -20.64
CA PHE A 116 -1.46 -1.99 -19.63
C PHE A 116 -0.27 -1.75 -18.71
N TYR A 117 -0.35 -0.68 -17.94
CA TYR A 117 0.75 -0.29 -17.08
C TYR A 117 0.13 0.24 -15.80
N LEU A 118 0.62 -0.21 -14.65
CA LEU A 118 -0.02 0.19 -13.39
C LEU A 118 0.20 1.67 -13.11
N HIS A 119 -0.89 2.37 -12.79
CA HIS A 119 -0.83 3.82 -12.58
C HIS A 119 -0.85 4.13 -11.10
N GLU A 120 -2.00 4.03 -10.46
CA GLU A 120 -2.08 4.24 -9.03
C GLU A 120 -3.00 3.22 -8.38
N ILE A 121 -2.81 3.01 -7.09
CA ILE A 121 -3.77 2.27 -6.30
C ILE A 121 -4.34 3.22 -5.26
N LYS A 122 -5.58 3.64 -5.46
CA LYS A 122 -6.16 4.61 -4.54
C LYS A 122 -6.96 3.89 -3.47
N VAL A 123 -6.63 4.21 -2.23
CA VAL A 123 -7.25 3.55 -1.09
C VAL A 123 -8.46 4.38 -0.70
N LEU A 124 -9.64 3.82 -0.91
CA LEU A 124 -10.85 4.55 -0.68
C LEU A 124 -11.14 4.56 0.81
N ARG A 125 -12.30 5.09 1.17
CA ARG A 125 -12.69 5.10 2.56
C ARG A 125 -13.97 4.32 2.77
N GLU A 126 -14.20 3.91 4.01
CA GLU A 126 -15.45 3.25 4.37
C GLU A 126 -16.43 4.28 4.90
N PRO A 127 -17.48 4.56 4.11
CA PRO A 127 -18.52 5.44 4.67
C PRO A 127 -19.02 4.79 5.95
N LYS A 128 -19.11 5.53 7.05
CA LYS A 128 -19.60 4.92 8.28
C LYS A 128 -21.11 4.92 8.24
N LYS A 129 -21.64 5.39 7.12
CA LYS A 129 -23.07 5.35 6.91
C LYS A 129 -23.42 4.08 6.13
N PHE A 130 -24.28 3.24 6.71
CA PHE A 130 -24.75 2.05 6.02
C PHE A 130 -26.27 1.86 6.03
N ASN A 131 -26.86 1.73 7.22
CA ASN A 131 -28.31 1.60 7.31
C ASN A 131 -28.99 2.66 6.48
N GLY A 132 -29.89 2.22 5.60
CA GLY A 132 -30.70 3.11 4.78
C GLY A 132 -30.04 3.62 3.51
N SER A 133 -28.72 3.68 3.49
CA SER A 133 -28.01 4.22 2.33
C SER A 133 -28.34 3.44 1.06
N THR A 134 -28.22 4.10 -0.07
CA THR A 134 -28.46 3.46 -1.37
C THR A 134 -27.25 2.67 -1.84
N PHE A 135 -27.49 1.47 -2.38
CA PHE A 135 -26.41 0.65 -2.92
C PHE A 135 -26.69 0.36 -4.39
N VAL A 136 -25.67 0.50 -5.22
CA VAL A 136 -25.76 0.15 -6.62
C VAL A 136 -24.70 -0.90 -6.92
N THR A 137 -25.05 -1.91 -7.71
CA THR A 137 -24.13 -3.02 -7.92
C THR A 137 -22.95 -2.63 -8.80
N LEU A 138 -21.75 -2.80 -8.25
CA LEU A 138 -20.52 -2.64 -9.00
C LEU A 138 -20.29 -3.90 -9.83
N SER A 139 -20.57 -5.02 -9.19
CA SER A 139 -20.62 -6.30 -9.87
C SER A 139 -22.00 -6.89 -9.61
N PRO A 140 -22.56 -7.58 -10.60
CA PRO A 140 -23.94 -8.06 -10.48
C PRO A 140 -24.12 -8.99 -9.30
N ILE A 141 -25.33 -9.51 -9.12
CA ILE A 141 -25.62 -10.39 -8.00
C ILE A 141 -26.23 -11.71 -8.43
N ALA A 142 -25.65 -12.80 -7.94
CA ALA A 142 -26.17 -14.13 -8.19
C ALA A 142 -26.53 -14.82 -6.88
N VAL A 143 -27.69 -15.45 -6.84
CA VAL A 143 -28.00 -16.39 -5.76
C VAL A 143 -28.60 -17.66 -6.33
N THR A 144 -27.88 -18.76 -6.13
CA THR A 144 -28.17 -20.03 -6.77
C THR A 144 -28.72 -21.08 -5.78
N VAL A 145 -29.65 -21.90 -6.27
CA VAL A 145 -30.25 -22.94 -5.46
C VAL A 145 -30.74 -24.07 -6.37
N VAL A 146 -30.95 -25.24 -5.80
CA VAL A 146 -31.37 -26.41 -6.58
C VAL A 146 -32.58 -27.11 -5.98
N TYR A 152 -31.91 -23.35 -10.35
CA TYR A 152 -31.52 -22.19 -11.14
C TYR A 152 -30.91 -21.11 -10.26
N ASP A 153 -31.08 -19.86 -10.66
CA ASP A 153 -30.63 -18.73 -9.87
C ASP A 153 -31.81 -17.82 -9.55
N VAL A 154 -32.19 -17.76 -8.28
CA VAL A 154 -33.41 -17.04 -7.89
C VAL A 154 -33.24 -15.53 -8.06
N PRO A 155 -34.22 -14.90 -8.74
CA PRO A 155 -34.28 -13.45 -8.96
C PRO A 155 -34.92 -12.67 -7.81
N PRO A 156 -34.93 -11.34 -7.89
CA PRO A 156 -35.45 -10.47 -6.82
C PRO A 156 -36.96 -10.57 -6.63
N MET A 157 -37.70 -10.94 -7.66
CA MET A 157 -39.13 -11.17 -7.53
C MET A 157 -39.37 -12.36 -6.61
N GLU A 158 -38.29 -13.04 -6.26
CA GLU A 158 -38.38 -14.23 -5.42
C GLU A 158 -38.29 -13.93 -3.93
N LYS A 159 -39.32 -14.38 -3.22
CA LYS A 159 -39.46 -14.17 -1.79
C LYS A 159 -38.23 -14.58 -0.99
N GLU A 160 -37.59 -15.66 -1.41
CA GLU A 160 -36.45 -16.20 -0.67
C GLU A 160 -35.07 -15.67 -1.11
N PHE A 161 -35.02 -14.93 -2.21
CA PHE A 161 -33.78 -14.31 -2.66
C PHE A 161 -33.21 -13.56 -1.48
N TYR A 162 -34.13 -13.14 -0.60
CA TYR A 162 -33.84 -12.35 0.59
C TYR A 162 -33.40 -13.16 1.82
N SER A 163 -33.93 -14.37 1.97
CA SER A 163 -33.52 -15.21 3.10
C SER A 163 -32.11 -15.74 2.90
N ILE A 164 -31.79 -16.05 1.64
CA ILE A 164 -30.45 -16.49 1.27
C ILE A 164 -29.42 -15.37 1.41
N ILE A 165 -29.68 -14.25 0.75
CA ILE A 165 -28.77 -13.12 0.75
C ILE A 165 -28.48 -12.63 2.17
N LYS A 166 -29.49 -12.68 3.01
CA LYS A 166 -29.36 -12.27 4.41
C LYS A 166 -28.46 -13.23 5.17
N ASP A 167 -28.80 -14.51 5.08
CA ASP A 167 -28.13 -15.58 5.82
C ASP A 167 -26.63 -15.59 5.53
N ASP A 168 -26.31 -15.59 4.24
CA ASP A 168 -24.93 -15.55 3.79
C ASP A 168 -24.15 -14.44 4.51
N LEU A 169 -24.79 -13.29 4.67
CA LEU A 169 -24.20 -12.14 5.37
C LEU A 169 -24.08 -12.38 6.87
N GLN A 170 -25.07 -13.03 7.46
CA GLN A 170 -25.01 -13.33 8.88
C GLN A 170 -23.78 -14.22 9.16
N ASP A 171 -23.56 -15.19 8.29
CA ASP A 171 -22.40 -16.07 8.37
C ASP A 171 -21.11 -15.30 8.09
N LYS A 172 -21.10 -14.55 6.98
CA LYS A 172 -19.97 -13.71 6.62
C LYS A 172 -19.63 -12.77 7.76
N TYR A 173 -20.67 -12.39 8.51
CA TYR A 173 -20.50 -11.53 9.67
C TYR A 173 -19.58 -12.17 10.68
N VAL A 174 -20.04 -13.25 11.30
CA VAL A 174 -19.28 -13.96 12.32
C VAL A 174 -17.98 -14.53 11.76
N MET A 175 -18.02 -14.96 10.52
CA MET A 175 -16.81 -15.37 9.81
C MET A 175 -15.78 -14.27 10.04
N ALA A 176 -16.21 -13.02 9.88
CA ALA A 176 -15.35 -11.86 10.12
C ALA A 176 -15.24 -11.39 11.58
N TYR A 177 -16.38 -11.37 12.28
CA TYR A 177 -16.47 -10.78 13.62
C TYR A 177 -16.32 -11.77 14.77
N GLY A 178 -16.29 -13.06 14.46
CA GLY A 178 -16.22 -14.09 15.49
C GLY A 178 -17.20 -13.83 16.62
N ASP A 179 -18.45 -13.54 16.25
CA ASP A 179 -19.47 -13.21 17.24
C ASP A 179 -20.88 -13.49 16.74
N LYS A 180 -21.83 -13.56 17.67
CA LYS A 180 -23.22 -13.86 17.35
C LYS A 180 -23.74 -12.88 16.29
N PRO A 181 -24.36 -13.40 15.23
CA PRO A 181 -24.77 -12.59 14.08
C PRO A 181 -25.94 -11.66 14.38
N PRO A 182 -25.88 -10.42 13.88
CA PRO A 182 -26.98 -9.44 14.01
C PRO A 182 -28.17 -9.87 13.18
N SER A 183 -29.37 -9.86 13.75
CA SER A 183 -30.56 -10.38 13.07
C SER A 183 -31.52 -9.42 12.35
N GLU A 184 -31.24 -8.12 12.32
CA GLU A 184 -32.14 -7.19 11.62
C GLU A 184 -31.60 -6.79 10.26
N PHE A 185 -32.19 -7.35 9.22
CA PHE A 185 -31.84 -6.97 7.86
C PHE A 185 -33.06 -7.00 6.93
N GLU A 186 -33.36 -5.88 6.26
CA GLU A 186 -34.29 -5.85 5.13
C GLU A 186 -33.67 -5.04 4.01
N MET A 187 -33.97 -5.41 2.78
CA MET A 187 -33.53 -4.61 1.65
C MET A 187 -34.66 -4.41 0.65
N GLU A 188 -34.79 -3.16 0.21
CA GLU A 188 -35.81 -2.79 -0.76
C GLU A 188 -35.14 -2.34 -2.05
N VAL A 189 -35.60 -2.87 -3.16
CA VAL A 189 -34.89 -2.72 -4.43
C VAL A 189 -35.63 -1.84 -5.45
N LEU A 190 -34.97 -0.77 -5.88
CA LEU A 190 -35.58 0.19 -6.81
C LEU A 190 -35.48 -0.27 -8.26
N ILE A 191 -34.27 -0.18 -8.82
CA ILE A 191 -34.01 -0.63 -10.18
C ILE A 191 -33.46 -2.07 -10.11
N ALA A 192 -33.99 -2.98 -10.91
CA ALA A 192 -33.42 -4.32 -10.98
C ALA A 192 -33.23 -4.84 -12.43
N LYS A 193 -31.97 -5.07 -12.80
CA LYS A 193 -31.57 -5.50 -14.15
C LYS A 193 -31.02 -6.94 -14.25
N PRO A 194 -31.63 -7.78 -15.10
CA PRO A 194 -31.19 -9.17 -15.37
C PRO A 194 -29.98 -9.31 -16.29
N LYS A 195 -29.34 -10.48 -16.23
CA LYS A 195 -28.26 -10.84 -17.15
C LYS A 195 -27.70 -12.24 -16.88
N ARG A 196 -27.03 -12.81 -17.87
CA ARG A 196 -26.50 -14.17 -17.80
C ARG A 196 -25.03 -14.19 -18.22
N PHE A 197 -24.20 -14.88 -17.44
CA PHE A 197 -22.77 -14.86 -17.68
C PHE A 197 -22.18 -16.24 -17.98
N ARG A 198 -21.05 -16.24 -18.67
CA ARG A 198 -20.33 -17.50 -18.87
C ARG A 198 -19.15 -17.60 -17.92
N ILE A 199 -19.34 -18.47 -16.93
CA ILE A 199 -18.31 -18.96 -16.05
C ILE A 199 -17.95 -20.30 -16.65
N LYS A 200 -16.67 -20.56 -16.80
CA LYS A 200 -16.25 -21.60 -17.73
C LYS A 200 -16.59 -23.02 -17.29
N PRO A 201 -16.64 -23.94 -18.25
CA PRO A 201 -16.99 -23.67 -19.64
C PRO A 201 -18.51 -23.53 -19.78
N GLY A 202 -19.26 -24.33 -19.03
CA GLY A 202 -20.63 -24.68 -19.35
C GLY A 202 -21.81 -24.15 -18.56
N ILE A 203 -21.65 -23.10 -17.77
CA ILE A 203 -22.65 -22.68 -16.76
C ILE A 203 -23.48 -21.39 -17.03
N TYR A 204 -24.71 -21.40 -16.49
CA TYR A 204 -25.64 -20.28 -16.51
C TYR A 204 -25.70 -19.63 -15.15
N GLN A 205 -25.10 -18.47 -15.02
CA GLN A 205 -25.26 -17.71 -13.82
C GLN A 205 -26.11 -16.48 -14.14
N THR A 206 -27.34 -16.50 -13.66
CA THR A 206 -28.23 -15.40 -13.91
C THR A 206 -28.10 -14.48 -12.73
N ALA A 207 -27.48 -13.34 -12.98
CA ALA A 207 -27.16 -12.40 -11.92
C ALA A 207 -28.12 -11.21 -12.00
N TRP A 208 -28.01 -10.28 -11.06
CA TRP A 208 -28.84 -9.09 -11.04
C TRP A 208 -28.05 -7.82 -10.79
N HIS A 209 -28.04 -6.91 -11.76
CA HIS A 209 -27.59 -5.55 -11.50
C HIS A 209 -28.70 -4.90 -10.69
N LEU A 210 -28.32 -4.28 -9.57
CA LEU A 210 -29.31 -3.79 -8.62
C LEU A 210 -29.01 -2.38 -8.09
N VAL A 211 -30.08 -1.64 -7.80
CA VAL A 211 -30.01 -0.45 -6.97
C VAL A 211 -31.01 -0.67 -5.84
N PHE A 212 -30.61 -0.48 -4.60
CA PHE A 212 -31.52 -0.76 -3.49
C PHE A 212 -31.22 -0.02 -2.20
N ARG A 213 -32.24 0.11 -1.36
CA ARG A 213 -32.12 0.66 -0.03
C ARG A 213 -32.04 -0.49 0.95
N ALA A 214 -31.11 -0.43 1.89
CA ALA A 214 -30.96 -1.51 2.87
C ALA A 214 -30.79 -0.97 4.29
N TYR A 215 -31.69 -1.40 5.18
CA TYR A 215 -31.69 -0.97 6.57
C TYR A 215 -31.50 -2.19 7.46
N GLY A 216 -30.75 -2.02 8.55
CA GLY A 216 -30.49 -3.11 9.47
C GLY A 216 -29.39 -2.76 10.47
N ASN A 217 -28.73 -3.77 11.00
CA ASN A 217 -27.56 -3.51 11.83
C ASN A 217 -26.51 -2.85 10.95
N ASP A 218 -25.91 -1.78 11.45
CA ASP A 218 -24.87 -1.11 10.69
C ASP A 218 -23.76 -2.08 10.24
N ASP A 219 -23.05 -2.66 11.20
CA ASP A 219 -21.96 -3.57 10.93
C ASP A 219 -22.34 -4.73 10.01
N LEU A 220 -23.61 -5.15 10.09
CA LEU A 220 -24.11 -6.26 9.28
C LEU A 220 -23.83 -5.90 7.82
N LEU A 221 -24.35 -4.75 7.40
CA LEU A 221 -24.25 -4.30 6.02
C LEU A 221 -22.86 -3.80 5.68
N LYS A 222 -22.11 -3.39 6.71
CA LYS A 222 -20.71 -3.05 6.54
C LYS A 222 -20.02 -4.17 5.78
N VAL A 223 -20.31 -5.41 6.19
CA VAL A 223 -19.71 -6.62 5.65
C VAL A 223 -20.04 -6.78 4.16
N GLY A 224 -21.33 -6.89 3.83
CA GLY A 224 -21.74 -7.01 2.44
C GLY A 224 -21.07 -5.95 1.59
N TYR A 225 -20.96 -4.74 2.13
CA TYR A 225 -20.20 -3.69 1.48
C TYR A 225 -18.80 -4.20 1.12
N GLU A 226 -18.06 -4.67 2.12
CA GLU A 226 -16.68 -5.09 1.89
C GLU A 226 -16.54 -6.38 1.11
N VAL A 227 -17.10 -7.46 1.64
CA VAL A 227 -16.96 -8.77 1.01
C VAL A 227 -17.96 -9.00 -0.13
N GLY A 228 -19.21 -8.59 0.07
CA GLY A 228 -20.18 -8.67 -1.00
C GLY A 228 -21.60 -8.99 -0.59
N PHE A 229 -22.46 -9.17 -1.59
CA PHE A 229 -23.84 -9.61 -1.38
C PHE A 229 -24.05 -10.81 -2.29
N GLY A 230 -24.48 -11.92 -1.70
CA GLY A 230 -24.71 -13.12 -2.48
C GLY A 230 -23.53 -14.06 -2.54
N GLU A 231 -23.49 -14.87 -3.59
CA GLU A 231 -22.62 -16.05 -3.65
C GLU A 231 -21.19 -15.87 -4.15
N LYS A 232 -21.06 -15.43 -5.39
CA LYS A 232 -19.87 -15.66 -6.20
C LYS A 232 -18.72 -14.69 -5.91
N ASN A 233 -18.80 -14.04 -4.75
CA ASN A 233 -17.93 -12.95 -4.37
C ASN A 233 -16.50 -13.10 -4.86
N SER A 234 -16.02 -14.34 -4.97
CA SER A 234 -14.67 -14.58 -5.46
C SER A 234 -14.55 -14.56 -6.99
N LEU A 235 -15.68 -14.59 -7.68
CA LEU A 235 -15.71 -14.49 -9.15
C LEU A 235 -16.03 -13.08 -9.63
N GLY A 236 -16.25 -12.16 -8.71
CA GLY A 236 -16.70 -10.83 -9.05
C GLY A 236 -18.19 -10.56 -9.03
N PHE A 237 -18.96 -11.26 -8.21
CA PHE A 237 -20.35 -10.87 -7.97
C PHE A 237 -20.55 -10.36 -6.54
N GLY A 238 -21.52 -9.47 -6.38
CA GLY A 238 -21.96 -9.05 -5.07
C GLY A 238 -21.25 -7.84 -4.48
N MET A 239 -20.47 -7.14 -5.28
CA MET A 239 -19.84 -5.90 -4.79
C MET A 239 -20.71 -4.70 -5.12
N VAL A 240 -20.96 -3.87 -4.12
CA VAL A 240 -21.86 -2.74 -4.28
C VAL A 240 -21.27 -1.44 -3.77
N LYS A 241 -21.80 -0.32 -4.25
CA LYS A 241 -21.31 1.00 -3.89
C LYS A 241 -22.38 1.79 -3.15
N VAL A 242 -21.96 2.75 -2.33
CA VAL A 242 -22.89 3.65 -1.65
C VAL A 242 -23.05 4.92 -2.46
N GLU A 243 -24.27 5.45 -2.50
CA GLU A 243 -24.51 6.74 -3.12
C GLU A 243 -24.64 7.83 -2.05
N GLY A 244 -23.92 8.93 -2.26
CA GLY A 244 -23.95 10.04 -1.33
C GLY A 244 -23.18 11.23 -1.86
N HIS B 1 -2.67 2.68 15.40
CA HIS B 1 -2.65 1.45 14.63
C HIS B 1 -1.60 1.51 13.53
N HIS B 2 -1.06 2.69 13.27
CA HIS B 2 -0.10 2.88 12.17
C HIS B 2 1.33 2.48 12.53
N HIS B 3 1.45 1.79 13.66
CA HIS B 3 2.73 1.32 14.19
C HIS B 3 3.27 0.06 13.48
N HIS B 4 2.61 -0.39 12.41
CA HIS B 4 3.15 -1.48 11.58
C HIS B 4 4.22 -1.02 10.57
N GLY B 5 4.31 0.29 10.35
CA GLY B 5 5.26 0.86 9.39
C GLY B 5 4.94 0.55 7.93
N SER B 6 5.67 1.17 6.99
CA SER B 6 5.82 0.63 5.61
C SER B 6 7.25 0.84 5.07
N ARG B 7 7.82 -0.23 4.52
CA ARG B 7 9.18 -0.18 3.99
C ARG B 7 9.27 -0.61 2.52
N PHE B 8 9.78 0.27 1.68
CA PHE B 8 9.79 0.03 0.25
C PHE B 8 11.19 -0.16 -0.37
N LEU B 9 11.24 -1.01 -1.39
CA LEU B 9 12.39 -1.11 -2.27
C LEU B 9 11.92 -0.83 -3.68
N ILE B 10 12.44 0.23 -4.28
CA ILE B 10 12.04 0.61 -5.63
C ILE B 10 13.17 0.29 -6.60
N ARG B 11 12.83 -0.19 -7.80
CA ARG B 11 13.83 -0.60 -8.77
C ARG B 11 13.62 0.07 -10.13
N LEU B 12 14.68 0.63 -10.69
CA LEU B 12 14.61 1.39 -11.94
C LEU B 12 15.50 0.74 -13.01
N VAL B 13 15.21 1.01 -14.28
CA VAL B 13 16.04 0.45 -15.35
C VAL B 13 16.55 1.55 -16.29
N PHE B 21 24.65 2.83 -16.65
CA PHE B 21 24.33 4.23 -16.39
C PHE B 21 25.33 4.85 -15.43
N LYS B 22 25.16 6.14 -15.15
CA LYS B 22 26.01 6.84 -14.18
C LYS B 22 25.22 7.31 -12.96
N VAL B 23 25.93 7.43 -11.84
CA VAL B 23 25.40 7.97 -10.61
C VAL B 23 26.53 8.80 -10.01
N PRO B 24 26.19 9.93 -9.36
CA PRO B 24 27.24 10.70 -8.70
C PRO B 24 27.35 10.27 -7.26
N TYR B 25 28.21 10.96 -6.53
CA TYR B 25 28.11 11.00 -5.08
C TYR B 25 27.55 12.39 -4.79
N ASN B 26 27.35 12.71 -3.51
CA ASN B 26 26.75 14.00 -3.17
C ASN B 26 25.36 14.15 -3.80
N HIS B 27 24.73 13.02 -4.09
CA HIS B 27 23.55 12.97 -4.94
C HIS B 27 22.20 13.00 -4.21
N GLN B 28 22.17 13.11 -2.89
CA GLN B 28 20.87 13.00 -2.25
C GLN B 28 20.05 14.30 -2.15
N TYR B 29 20.58 15.39 -2.70
CA TYR B 29 19.76 16.57 -2.95
C TYR B 29 18.92 16.34 -4.22
N TYR B 30 19.40 15.47 -5.10
CA TYR B 30 18.70 15.14 -6.34
C TYR B 30 17.71 14.01 -6.12
N LEU B 31 17.90 13.27 -5.02
CA LEU B 31 16.97 12.22 -4.64
C LEU B 31 15.82 12.83 -3.84
N GLN B 32 16.08 14.02 -3.27
CA GLN B 32 15.03 14.76 -2.61
C GLN B 32 14.02 15.17 -3.66
N GLY B 33 14.50 15.27 -4.90
CA GLY B 33 13.64 15.59 -6.04
C GLY B 33 12.65 14.51 -6.43
N LEU B 34 13.15 13.31 -6.72
CA LEU B 34 12.29 12.24 -7.23
C LEU B 34 11.18 11.93 -6.24
N ILE B 35 11.49 12.14 -4.96
CA ILE B 35 10.59 11.81 -3.88
C ILE B 35 9.42 12.78 -3.69
N TYR B 36 9.71 14.08 -3.63
CA TYR B 36 8.65 15.09 -3.44
C TYR B 36 7.87 15.28 -4.73
N ASN B 37 8.52 15.02 -5.86
CA ASN B 37 7.86 15.07 -7.16
C ASN B 37 6.67 14.14 -7.20
N ALA B 38 6.87 12.93 -6.70
CA ALA B 38 5.83 11.91 -6.73
C ALA B 38 4.84 12.04 -5.58
N ILE B 39 5.21 12.81 -4.55
CA ILE B 39 4.28 13.08 -3.46
C ILE B 39 3.30 14.21 -3.79
N LYS B 40 3.81 15.22 -4.50
CA LYS B 40 2.97 16.28 -5.04
C LYS B 40 1.99 15.70 -6.02
N SER B 41 2.40 14.83 -6.94
CA SER B 41 1.32 14.17 -7.61
C SER B 41 1.10 12.81 -6.93
N SER B 42 0.39 12.85 -5.83
CA SER B 42 -0.58 11.85 -5.38
C SER B 42 -1.62 12.71 -4.68
N ASN B 43 -1.12 13.32 -3.60
CA ASN B 43 -1.77 14.32 -2.77
C ASN B 43 -0.88 15.54 -2.64
N PRO B 44 -1.12 16.57 -3.46
CA PRO B 44 -0.34 17.83 -3.37
C PRO B 44 -0.32 18.50 -1.98
N LYS B 45 -1.45 18.60 -1.31
CA LYS B 45 -1.47 19.24 0.00
C LYS B 45 -0.40 18.66 0.91
N LEU B 46 -0.25 17.35 0.87
CA LEU B 46 0.79 16.65 1.62
C LEU B 46 2.18 17.17 1.28
N ALA B 47 2.52 17.21 0.00
CA ALA B 47 3.87 17.58 -0.41
C ALA B 47 4.28 18.98 0.04
N THR B 48 3.55 20.02 -0.38
CA THR B 48 3.87 21.38 0.05
C THR B 48 3.96 21.45 1.56
N TYR B 49 3.05 20.75 2.21
CA TYR B 49 2.95 20.73 3.67
C TYR B 49 4.32 20.44 4.28
N LEU B 50 4.97 19.40 3.75
CA LEU B 50 6.21 18.88 4.29
C LEU B 50 7.40 19.85 4.24
N HIS B 51 7.37 20.78 3.30
CA HIS B 51 8.49 21.69 3.09
C HIS B 51 8.60 22.71 4.21
N GLU B 52 7.60 23.60 4.26
CA GLU B 52 7.53 24.69 5.24
C GLU B 52 7.23 24.20 6.65
N VAL B 53 6.81 22.95 6.76
CA VAL B 53 6.67 22.37 8.09
C VAL B 53 8.03 21.75 8.45
N LYS B 54 8.67 22.38 9.44
CA LYS B 54 10.01 22.01 9.82
C LYS B 54 9.92 20.88 10.84
N GLY B 55 11.06 20.54 11.45
CA GLY B 55 11.09 19.47 12.43
C GLY B 55 11.11 18.11 11.72
N PRO B 56 11.49 17.04 12.45
CA PRO B 56 11.59 15.73 11.80
C PRO B 56 10.25 15.30 11.23
N LYS B 57 10.23 14.87 9.97
CA LYS B 57 9.03 14.30 9.40
C LYS B 57 8.99 12.83 9.80
N LEU B 58 7.93 12.13 9.44
CA LEU B 58 7.80 10.74 9.85
C LEU B 58 8.26 9.70 8.83
N PHE B 59 8.84 10.16 7.72
CA PHE B 59 9.35 9.26 6.69
C PHE B 59 10.88 9.33 6.58
N THR B 60 11.47 8.27 6.03
CA THR B 60 12.87 8.30 5.62
C THR B 60 13.11 7.40 4.43
N TYR B 61 14.16 7.70 3.69
CA TYR B 61 14.53 6.86 2.56
C TYR B 61 16.02 6.60 2.52
N SER B 62 16.39 5.56 1.79
CA SER B 62 17.75 5.07 1.77
C SER B 62 18.58 5.92 0.81
N LEU B 63 19.79 5.45 0.50
CA LEU B 63 20.59 6.05 -0.55
C LEU B 63 20.20 5.45 -1.88
N PHE B 64 20.83 5.92 -2.94
CA PHE B 64 20.63 5.36 -4.26
C PHE B 64 21.80 4.43 -4.52
N MET B 65 21.52 3.13 -4.48
CA MET B 65 22.54 2.13 -4.72
C MET B 65 22.33 1.54 -6.10
N ALA B 66 23.22 0.63 -6.48
CA ALA B 66 23.13 -0.03 -7.77
C ALA B 66 23.09 -1.53 -7.51
N GLU B 67 23.14 -2.35 -8.55
CA GLU B 67 23.28 -3.78 -8.33
C GLU B 67 24.73 -4.25 -8.05
N LYS B 68 25.68 -3.31 -8.17
CA LYS B 68 27.09 -3.42 -7.73
C LYS B 68 27.63 -2.00 -7.54
N ARG B 69 28.80 -1.84 -6.92
CA ARG B 69 29.42 -0.51 -6.79
C ARG B 69 30.82 -0.39 -7.45
N GLU B 70 31.01 0.63 -8.30
CA GLU B 70 32.28 0.83 -9.02
C GLU B 70 32.82 2.27 -8.98
N HIS B 71 34.13 2.40 -8.73
CA HIS B 71 34.71 3.72 -8.38
C HIS B 71 36.01 4.11 -9.10
N PRO B 72 35.91 4.84 -10.22
CA PRO B 72 37.14 5.34 -10.82
C PRO B 72 38.00 6.07 -9.78
N TYR B 77 30.12 11.47 -9.56
CA TYR B 77 29.88 10.44 -10.57
C TYR B 77 30.51 9.10 -10.17
N PHE B 78 30.04 8.01 -10.77
CA PHE B 78 30.70 6.69 -10.74
C PHE B 78 29.84 5.63 -11.42
N LEU B 79 30.44 4.49 -11.75
CA LEU B 79 29.72 3.47 -12.54
C LEU B 79 28.46 2.95 -11.83
N GLY B 80 27.32 3.14 -12.48
CA GLY B 80 26.11 2.44 -12.13
C GLY B 80 25.88 1.29 -13.09
N TYR B 81 25.10 0.27 -12.69
CA TYR B 81 24.83 -0.87 -13.58
C TYR B 81 23.65 -1.76 -13.18
N LYS B 82 23.08 -2.44 -14.18
CA LYS B 82 22.01 -3.41 -13.93
C LYS B 82 20.99 -2.85 -12.93
N LYS B 83 20.22 -1.91 -13.48
CA LYS B 83 19.28 -1.03 -12.80
C LYS B 83 19.90 -0.30 -11.61
N GLY B 84 19.12 -0.07 -10.55
CA GLY B 84 19.58 0.60 -9.34
C GLY B 84 18.35 1.00 -8.54
N PHE B 85 18.53 1.24 -7.25
CA PHE B 85 17.39 1.20 -6.34
C PHE B 85 17.58 2.00 -5.06
N PHE B 86 16.63 1.88 -4.15
CA PHE B 86 16.74 2.54 -2.86
C PHE B 86 15.53 2.17 -2.02
N TYR B 87 15.63 2.41 -0.72
CA TYR B 87 14.59 2.00 0.21
C TYR B 87 13.95 3.21 0.86
N PHE B 88 12.71 3.05 1.28
CA PHE B 88 11.95 4.14 1.86
C PHE B 88 11.09 3.55 2.99
N SER B 89 11.13 4.13 4.18
CA SER B 89 10.25 3.69 5.26
C SER B 89 9.56 4.85 5.97
N THR B 90 8.26 4.68 6.22
CA THR B 90 7.47 5.68 6.92
C THR B 90 6.35 5.02 7.70
N CYS B 91 6.01 5.59 8.86
CA CYS B 91 4.94 5.05 9.68
C CYS B 91 3.62 5.77 9.46
N VAL B 92 3.63 6.76 8.59
CA VAL B 92 2.43 7.50 8.27
C VAL B 92 1.84 6.97 6.95
N PRO B 93 0.72 6.24 7.04
CA PRO B 93 0.16 5.54 5.89
C PRO B 93 0.07 6.37 4.61
N GLU B 94 -0.31 7.65 4.72
CA GLU B 94 -0.51 8.46 3.51
C GLU B 94 0.80 8.94 2.89
N ILE B 95 1.83 9.16 3.72
CA ILE B 95 3.12 9.57 3.19
C ILE B 95 3.57 8.54 2.16
N ALA B 96 3.33 7.26 2.48
CA ALA B 96 3.71 6.15 1.61
C ALA B 96 2.72 5.93 0.46
N GLU B 97 1.44 6.12 0.73
CA GLU B 97 0.42 5.97 -0.30
C GLU B 97 0.63 7.01 -1.38
N ALA B 98 1.13 8.18 -0.98
CA ALA B 98 1.39 9.25 -1.93
C ALA B 98 2.76 9.14 -2.60
N LEU B 99 3.67 8.36 -2.02
CA LEU B 99 4.92 8.02 -2.71
C LEU B 99 4.84 6.73 -3.52
N VAL B 100 3.84 5.88 -3.24
CA VAL B 100 3.56 4.72 -4.09
C VAL B 100 2.71 5.12 -5.29
N ASN B 101 1.70 5.94 -5.01
CA ASN B 101 0.75 6.36 -6.03
C ASN B 101 1.37 7.38 -6.98
N GLY B 102 2.28 8.19 -6.45
CA GLY B 102 2.88 9.26 -7.23
C GLY B 102 4.07 8.84 -8.06
N LEU B 103 4.77 7.81 -7.59
CA LEU B 103 5.85 7.24 -8.38
C LEU B 103 5.26 6.33 -9.43
N LEU B 104 4.05 5.85 -9.16
CA LEU B 104 3.33 4.98 -10.08
C LEU B 104 2.72 5.77 -11.26
N MET B 105 1.82 6.71 -10.96
CA MET B 105 1.17 7.48 -12.02
C MET B 105 1.95 8.76 -12.19
N ASN B 106 2.83 8.64 -13.18
CA ASN B 106 4.05 9.45 -13.28
C ASN B 106 5.15 8.96 -14.23
N PRO B 107 6.40 9.07 -13.75
CA PRO B 107 7.68 8.64 -14.28
C PRO B 107 7.69 7.14 -14.59
N GLU B 108 8.58 6.68 -15.47
CA GLU B 108 9.33 7.58 -16.35
C GLU B 108 10.54 8.32 -15.72
N VAL B 109 10.84 8.04 -14.45
CA VAL B 109 11.78 8.80 -13.64
C VAL B 109 13.13 9.12 -14.29
N ARG B 110 13.60 10.35 -14.08
CA ARG B 110 14.92 10.79 -14.55
C ARG B 110 15.63 11.53 -13.43
N LEU B 111 16.82 11.08 -13.02
CA LEU B 111 17.44 11.69 -11.85
C LEU B 111 18.58 12.64 -12.25
N TRP B 112 18.21 13.92 -12.28
CA TRP B 112 19.04 15.11 -12.60
C TRP B 112 19.67 15.16 -13.98
N ASP B 113 19.93 13.99 -14.53
CA ASP B 113 20.53 13.84 -15.86
C ASP B 113 20.02 12.56 -16.49
N GLU B 114 20.45 11.48 -15.84
CA GLU B 114 20.17 10.13 -16.24
C GLU B 114 18.69 9.95 -16.42
N ARG B 115 18.36 9.15 -17.41
CA ARG B 115 17.02 8.68 -17.67
C ARG B 115 16.86 7.29 -17.03
N PHE B 116 15.74 7.06 -16.36
CA PHE B 116 15.40 5.77 -15.74
C PHE B 116 13.97 5.36 -16.13
N TYR B 117 13.63 4.10 -15.86
CA TYR B 117 12.28 3.58 -16.12
C TYR B 117 11.89 2.72 -14.92
N LEU B 118 10.71 2.97 -14.36
CA LEU B 118 10.30 2.25 -13.15
C LEU B 118 10.05 0.76 -13.40
N HIS B 119 10.57 -0.09 -12.53
CA HIS B 119 10.47 -1.54 -12.70
C HIS B 119 9.47 -2.16 -11.72
N GLU B 120 9.89 -2.29 -10.46
CA GLU B 120 9.04 -2.86 -9.41
C GLU B 120 9.24 -2.14 -8.09
N ILE B 121 8.20 -2.12 -7.28
CA ILE B 121 8.25 -1.54 -5.94
C ILE B 121 7.93 -2.67 -4.97
N LYS B 122 8.89 -3.04 -4.13
CA LYS B 122 8.66 -4.12 -3.19
C LYS B 122 8.71 -3.70 -1.74
N VAL B 123 7.72 -4.13 -0.98
CA VAL B 123 7.68 -3.91 0.45
C VAL B 123 7.83 -5.28 1.09
N LEU B 124 8.64 -5.38 2.15
CA LEU B 124 8.79 -6.66 2.84
C LEU B 124 8.40 -6.51 4.32
N ARG B 125 8.14 -7.63 4.96
CA ARG B 125 7.72 -7.67 6.36
C ARG B 125 8.68 -6.91 7.27
N GLU B 126 8.13 -6.33 8.33
CA GLU B 126 8.93 -5.62 9.34
C GLU B 126 9.21 -6.52 10.54
N PRO B 127 10.46 -6.55 11.01
CA PRO B 127 10.92 -7.34 12.15
C PRO B 127 10.11 -7.08 13.41
N LYS B 128 9.85 -8.11 14.21
CA LYS B 128 9.22 -7.92 15.50
C LYS B 128 10.31 -7.85 16.56
N LYS B 129 11.55 -8.05 16.13
CA LYS B 129 12.70 -8.10 17.03
C LYS B 129 13.58 -6.88 16.85
N PHE B 130 13.78 -6.14 17.94
CA PHE B 130 14.57 -4.91 17.88
C PHE B 130 15.69 -4.86 18.93
N ASN B 131 15.33 -4.97 20.19
CA ASN B 131 16.34 -4.94 21.24
C ASN B 131 17.43 -5.96 20.91
N GLY B 132 18.67 -5.48 20.84
CA GLY B 132 19.81 -6.34 20.58
C GLY B 132 20.15 -6.62 19.14
N SER B 133 19.19 -6.49 18.23
CA SER B 133 19.45 -6.85 16.84
C SER B 133 20.52 -5.95 16.22
N THR B 134 21.16 -6.42 15.16
CA THR B 134 22.25 -5.66 14.56
C THR B 134 21.78 -4.79 13.39
N PHE B 135 22.10 -3.50 13.48
CA PHE B 135 21.68 -2.54 12.48
C PHE B 135 22.85 -2.06 11.61
N VAL B 136 22.62 -2.02 10.30
CA VAL B 136 23.58 -1.50 9.34
C VAL B 136 22.92 -0.37 8.56
N THR B 137 23.64 0.72 8.31
CA THR B 137 23.02 1.88 7.67
C THR B 137 22.70 1.64 6.20
N LEU B 138 21.43 1.84 5.84
CA LEU B 138 20.99 1.83 4.45
C LEU B 138 21.30 3.18 3.84
N SER B 139 21.04 4.21 4.63
CA SER B 139 21.46 5.56 4.31
C SER B 139 22.26 6.05 5.49
N PRO B 140 23.31 6.81 5.24
CA PRO B 140 24.24 7.22 6.31
C PRO B 140 23.54 8.02 7.38
N ILE B 141 24.30 8.47 8.37
CA ILE B 141 23.74 9.21 9.49
C ILE B 141 24.42 10.56 9.70
N ALA B 142 23.60 11.59 9.82
CA ALA B 142 24.10 12.93 10.12
C ALA B 142 23.48 13.46 11.40
N VAL B 143 24.31 13.97 12.28
CA VAL B 143 23.80 14.73 13.43
C VAL B 143 24.59 16.02 13.57
N THR B 144 23.87 17.13 13.39
CA THR B 144 24.46 18.45 13.24
C THR B 144 24.18 19.31 14.46
N VAL B 145 25.12 20.17 14.81
CA VAL B 145 24.98 21.04 15.98
C VAL B 145 25.80 22.30 15.74
N VAL B 146 25.47 23.39 16.44
CA VAL B 146 26.24 24.62 16.29
C VAL B 146 26.76 25.19 17.62
N ARG B 147 28.09 25.12 17.80
CA ARG B 147 28.83 25.71 18.93
C ARG B 147 29.58 26.94 18.37
N LYS B 148 29.75 27.99 19.17
CA LYS B 148 30.29 29.27 18.67
C LYS B 148 29.56 29.68 17.38
N GLY B 149 30.33 30.03 16.35
CA GLY B 149 29.73 30.34 15.06
C GLY B 149 28.96 29.12 14.59
N LYS B 150 29.62 27.96 14.53
CA LYS B 150 28.90 26.74 14.17
C LYS B 150 29.53 25.41 14.67
N SER B 151 28.75 24.37 14.89
CA SER B 151 29.34 23.09 15.37
C SER B 151 29.62 21.84 14.50
N TYR B 152 29.59 21.96 13.18
CA TYR B 152 29.79 20.87 12.25
C TYR B 152 28.75 19.76 12.38
N ASP B 153 29.22 18.53 12.21
CA ASP B 153 28.34 17.39 12.29
C ASP B 153 29.11 16.46 13.18
N VAL B 154 28.57 16.22 14.37
CA VAL B 154 29.29 15.47 15.38
C VAL B 154 29.41 14.02 14.95
N PRO B 155 30.64 13.49 14.99
CA PRO B 155 30.93 12.09 14.65
C PRO B 155 30.70 11.13 15.82
N PRO B 156 30.85 9.81 15.57
CA PRO B 156 30.58 8.80 16.60
C PRO B 156 31.61 8.77 17.73
N MET B 157 32.79 9.33 17.50
CA MET B 157 33.77 9.45 18.57
C MET B 157 33.33 10.50 19.57
N GLU B 158 32.22 11.17 19.23
CA GLU B 158 31.69 12.25 20.04
C GLU B 158 30.69 11.78 21.07
N LYS B 159 30.98 12.12 22.32
CA LYS B 159 30.18 11.71 23.47
C LYS B 159 28.70 12.03 23.33
N GLU B 160 28.39 13.17 22.72
CA GLU B 160 27.00 13.63 22.61
C GLU B 160 26.28 13.28 21.29
N PHE B 161 26.98 12.63 20.37
CA PHE B 161 26.37 12.15 19.14
C PHE B 161 25.21 11.25 19.57
N TYR B 162 25.37 10.69 20.76
CA TYR B 162 24.44 9.77 21.39
C TYR B 162 23.26 10.41 22.15
N SER B 163 23.52 11.55 22.81
CA SER B 163 22.43 12.27 23.46
C SER B 163 21.46 12.84 22.43
N ILE B 164 22.00 13.34 21.33
CA ILE B 164 21.19 13.84 20.23
C ILE B 164 20.41 12.74 19.55
N ILE B 165 21.12 11.71 19.09
CA ILE B 165 20.48 10.60 18.37
C ILE B 165 19.37 9.96 19.21
N LYS B 166 19.63 9.81 20.51
CA LYS B 166 18.62 9.36 21.45
C LYS B 166 17.40 10.26 21.47
N ASP B 167 17.62 11.50 21.89
CA ASP B 167 16.57 12.49 22.06
C ASP B 167 15.62 12.49 20.88
N ASP B 168 16.15 12.77 19.70
CA ASP B 168 15.37 12.85 18.48
C ASP B 168 14.44 11.65 18.34
N LEU B 169 14.88 10.48 18.80
CA LEU B 169 14.04 9.28 18.76
C LEU B 169 12.95 9.30 19.82
N GLN B 170 13.23 9.92 20.97
CA GLN B 170 12.26 10.07 22.03
C GLN B 170 11.13 10.99 21.56
N ASP B 171 11.49 12.02 20.81
CA ASP B 171 10.51 12.91 20.21
C ASP B 171 9.77 12.18 19.10
N LYS B 172 10.53 11.59 18.18
CA LYS B 172 9.96 10.80 17.10
C LYS B 172 9.01 9.74 17.63
N TYR B 173 9.31 9.24 18.82
CA TYR B 173 8.49 8.26 19.49
C TYR B 173 7.07 8.78 19.74
N VAL B 174 6.96 9.75 20.64
CA VAL B 174 5.66 10.33 21.00
C VAL B 174 5.01 11.05 19.82
N MET B 175 5.83 11.55 18.90
CA MET B 175 5.35 12.11 17.64
C MET B 175 4.45 11.08 16.94
N ALA B 176 4.86 9.82 17.04
CA ALA B 176 4.12 8.67 16.48
C ALA B 176 3.19 8.02 17.51
N TYR B 177 3.78 7.54 18.60
CA TYR B 177 3.03 6.88 19.67
C TYR B 177 2.09 7.76 20.48
N GLY B 178 2.30 9.08 20.43
CA GLY B 178 1.49 9.99 21.22
C GLY B 178 1.44 9.56 22.68
N ASP B 179 2.62 9.38 23.27
CA ASP B 179 2.70 9.00 24.67
C ASP B 179 4.05 9.38 25.26
N LYS B 180 4.14 9.39 26.58
CA LYS B 180 5.39 9.69 27.29
C LYS B 180 6.54 8.80 26.79
N PRO B 181 7.70 9.41 26.48
CA PRO B 181 8.80 8.73 25.79
C PRO B 181 9.54 7.69 26.63
N PRO B 182 9.87 6.55 26.04
CA PRO B 182 10.68 5.51 26.70
C PRO B 182 12.11 5.98 26.93
N SER B 183 12.63 5.84 28.15
CA SER B 183 13.94 6.41 28.48
C SER B 183 15.19 5.51 28.46
N GLU B 184 15.07 4.24 28.07
CA GLU B 184 16.28 3.38 28.01
C GLU B 184 16.78 3.18 26.59
N PHE B 185 17.87 3.86 26.24
CA PHE B 185 18.51 3.67 24.95
C PHE B 185 20.04 3.78 25.04
N GLU B 186 20.74 2.74 24.58
CA GLU B 186 22.19 2.81 24.30
C GLU B 186 22.47 2.18 22.95
N MET B 187 23.52 2.65 22.28
CA MET B 187 23.94 2.03 21.04
C MET B 187 25.45 1.91 20.98
N GLU B 188 25.90 0.72 20.59
CA GLU B 188 27.32 0.42 20.48
C GLU B 188 27.65 0.17 19.02
N VAL B 189 28.73 0.75 18.55
CA VAL B 189 29.00 0.79 17.12
C VAL B 189 30.25 0.01 16.73
N LEU B 190 30.10 -0.95 15.83
CA LEU B 190 31.21 -1.80 15.42
C LEU B 190 32.03 -1.15 14.31
N ILE B 191 31.47 -1.13 13.11
CA ILE B 191 32.11 -0.50 11.96
C ILE B 191 31.60 0.93 11.82
N ALA B 192 32.49 1.91 11.68
CA ALA B 192 32.05 3.28 11.42
C ALA B 192 32.82 3.96 10.28
N LYS B 193 32.08 4.30 9.22
CA LYS B 193 32.65 4.91 8.01
C LYS B 193 32.23 6.36 7.78
N PRO B 194 33.21 7.27 7.69
CA PRO B 194 32.92 8.66 7.33
C PRO B 194 32.60 8.88 5.87
N LYS B 195 31.63 9.75 5.63
CA LYS B 195 31.50 10.42 4.35
C LYS B 195 30.97 11.78 4.59
N ARG B 196 31.60 12.72 3.91
CA ARG B 196 31.12 14.05 3.97
C ARG B 196 30.21 14.20 2.80
N PHE B 197 28.92 14.20 3.10
CA PHE B 197 27.99 14.30 2.01
C PHE B 197 27.65 15.74 1.75
N ARG B 198 27.69 16.12 0.49
CA ARG B 198 27.42 17.48 0.12
C ARG B 198 26.10 17.58 -0.63
N ILE B 199 25.25 18.46 -0.11
CA ILE B 199 23.90 18.71 -0.60
C ILE B 199 23.60 20.20 -0.39
N LYS B 200 22.52 20.70 -0.97
CA LYS B 200 22.24 22.13 -0.91
C LYS B 200 23.16 22.81 -1.93
N PRO B 201 22.86 24.07 -2.30
CA PRO B 201 23.73 24.70 -3.31
C PRO B 201 25.19 24.49 -2.91
N GLY B 202 25.52 24.74 -1.64
CA GLY B 202 26.64 24.08 -1.01
C GLY B 202 26.60 24.34 0.48
N ILE B 203 26.97 23.28 1.19
CA ILE B 203 26.93 23.18 2.65
C ILE B 203 27.28 21.74 2.80
N TYR B 204 27.59 21.35 4.02
CA TYR B 204 28.37 20.16 4.22
C TYR B 204 27.80 19.24 5.29
N GLN B 205 27.41 18.06 4.86
CA GLN B 205 26.83 17.13 5.78
C GLN B 205 27.81 15.99 5.90
N THR B 206 28.47 15.94 7.05
CA THR B 206 29.42 14.88 7.28
C THR B 206 28.62 13.80 7.95
N ALA B 207 28.39 12.73 7.20
CA ALA B 207 27.52 11.66 7.68
C ALA B 207 28.35 10.44 8.09
N TRP B 208 27.68 9.41 8.61
CA TRP B 208 28.35 8.20 9.04
C TRP B 208 27.64 6.96 8.55
N HIS B 209 28.32 6.16 7.73
CA HIS B 209 27.89 4.80 7.45
C HIS B 209 28.25 4.00 8.71
N LEU B 210 27.28 3.25 9.23
CA LEU B 210 27.45 2.62 10.53
C LEU B 210 26.91 1.21 10.57
N VAL B 211 27.55 0.37 11.38
CA VAL B 211 27.00 -0.92 11.77
C VAL B 211 27.06 -0.97 13.28
N PHE B 212 25.93 -1.22 13.94
CA PHE B 212 25.92 -1.17 15.39
C PHE B 212 24.91 -2.06 16.08
N ARG B 213 25.15 -2.29 17.37
CA ARG B 213 24.22 -3.00 18.23
C ARG B 213 23.48 -1.95 19.04
N ALA B 214 22.16 -2.08 19.15
CA ALA B 214 21.39 -1.15 19.95
C ALA B 214 20.40 -1.88 20.85
N TYR B 215 20.42 -1.53 22.13
CA TYR B 215 19.53 -2.14 23.11
C TYR B 215 18.74 -1.05 23.82
N GLY B 216 17.48 -1.34 24.14
CA GLY B 216 16.63 -0.38 24.81
C GLY B 216 15.17 -0.81 24.79
N ASN B 217 14.26 0.16 24.89
CA ASN B 217 12.85 -0.13 24.73
C ASN B 217 12.64 -0.67 23.32
N ASP B 218 11.90 -1.76 23.19
CA ASP B 218 11.64 -2.30 21.86
C ASP B 218 11.06 -1.24 20.93
N ASP B 219 9.85 -0.77 21.26
CA ASP B 219 9.16 0.22 20.44
C ASP B 219 9.98 1.47 20.14
N LEU B 220 10.91 1.79 21.04
CA LEU B 220 11.77 2.96 20.88
C LEU B 220 12.56 2.81 19.58
N LEU B 221 13.29 1.70 19.46
CA LEU B 221 14.12 1.43 18.28
C LEU B 221 13.23 1.07 17.10
N LYS B 222 12.06 0.50 17.42
CA LYS B 222 11.06 0.17 16.44
C LYS B 222 10.90 1.36 15.52
N VAL B 223 10.54 2.49 16.13
CA VAL B 223 10.45 3.79 15.46
C VAL B 223 11.65 4.14 14.58
N GLY B 224 12.83 4.27 15.18
CA GLY B 224 14.03 4.66 14.46
C GLY B 224 14.37 3.74 13.29
N TYR B 225 13.82 2.54 13.36
CA TYR B 225 13.93 1.59 12.26
C TYR B 225 13.12 2.12 11.08
N GLU B 226 11.87 2.48 11.36
CA GLU B 226 10.96 2.99 10.33
C GLU B 226 11.30 4.38 9.83
N VAL B 227 11.33 5.35 10.74
CA VAL B 227 11.55 6.75 10.36
C VAL B 227 13.03 7.12 10.19
N GLY B 228 13.88 6.65 11.09
CA GLY B 228 15.31 6.86 10.92
C GLY B 228 16.09 7.07 12.20
N PHE B 229 17.38 7.35 12.05
CA PHE B 229 18.25 7.67 13.18
C PHE B 229 18.98 8.95 12.83
N GLY B 230 18.76 9.98 13.64
CA GLY B 230 19.37 11.28 13.37
C GLY B 230 18.50 12.25 12.61
N GLU B 231 19.12 13.19 11.91
CA GLU B 231 18.44 14.40 11.44
C GLU B 231 17.69 14.32 10.11
N LYS B 232 18.42 14.04 9.04
CA LYS B 232 18.01 14.39 7.67
C LYS B 232 17.04 13.41 7.03
N ASN B 233 16.37 12.63 7.86
CA ASN B 233 15.50 11.55 7.42
C ASN B 233 14.72 11.88 6.16
N SER B 234 14.37 13.15 5.97
CA SER B 234 13.67 13.56 4.75
C SER B 234 14.59 13.75 3.54
N LEU B 235 15.90 13.78 3.78
CA LEU B 235 16.89 13.89 2.72
C LEU B 235 17.54 12.55 2.36
N GLY B 236 17.13 11.50 3.05
CA GLY B 236 17.76 10.20 2.90
C GLY B 236 18.85 9.83 3.89
N PHE B 237 18.84 10.40 5.10
CA PHE B 237 19.73 9.93 6.18
C PHE B 237 19.00 9.20 7.27
N GLY B 238 19.71 8.25 7.87
CA GLY B 238 19.27 7.62 9.10
C GLY B 238 18.43 6.37 8.94
N MET B 239 18.36 5.83 7.73
CA MET B 239 17.61 4.59 7.53
C MET B 239 18.55 3.41 7.67
N VAL B 240 18.15 2.44 8.50
CA VAL B 240 19.02 1.31 8.81
C VAL B 240 18.30 -0.01 8.61
N LYS B 241 19.09 -1.08 8.46
CA LYS B 241 18.54 -2.41 8.24
C LYS B 241 18.92 -3.34 9.39
N VAL B 242 18.08 -4.33 9.65
CA VAL B 242 18.37 -5.34 10.64
C VAL B 242 19.08 -6.49 9.97
N GLU B 243 20.05 -7.07 10.67
CA GLU B 243 20.68 -8.28 10.19
C GLU B 243 20.16 -9.49 10.96
N GLY B 244 19.75 -10.51 10.21
CA GLY B 244 19.24 -11.73 10.80
C GLY B 244 19.12 -12.81 9.74
#